data_3D36
#
_entry.id   3D36
#
_cell.length_a   66.111
_cell.length_b   66.111
_cell.length_c   315.572
_cell.angle_alpha   90.000
_cell.angle_beta   90.000
_cell.angle_gamma   120.000
#
_symmetry.space_group_name_H-M   'P 32 2 1'
#
loop_
_entity.id
_entity.type
_entity.pdbx_description
1 polymer 'Sporulation kinase B'
2 polymer 'Sporulation kinase inhibitor Sda'
3 non-polymer 'MAGNESIUM ION'
4 non-polymer "ADENOSINE-5'-DIPHOSPHATE"
5 non-polymer (4S)-2-METHYL-2,4-PENTANEDIOL
6 water water
#
loop_
_entity_poly.entity_id
_entity_poly.type
_entity_poly.pdbx_seq_one_letter_code
_entity_poly.pdbx_strand_id
1 'polypeptide(L)'
;GPHMVIRAEKMEAVTHLAASISHEIRNPLTAARGFIQLIEEQPLAADKRRQYARIAIEELDRAEAIITDYLTFAKPAPET
PEKLNVKLEIERVIDILRPLANMSCVDIQATLAPFSVIGEREKFRQCLLNVMKNAIEAMPNGGTLQVYVSIDNGRVLIRI
ADTGVGMTKEQLERLGEPYFTTKGVKGTGLGMMVVYRIIESMNGTIRIESEIHKGTTVSIYLPLASSPSSSTISDKEKQL
FAAL
;
A,B
2 'polypeptide(L)' MKHLSDELLIESYFKAKELNLSPEFIELIEKEIQRRSLTHKIKLSS C
#
# COMPACT_ATOMS: atom_id res chain seq x y z
N GLY A 1 -6.81 19.35 -33.89
CA GLY A 1 -5.97 20.36 -33.20
C GLY A 1 -5.35 19.81 -31.92
N PRO A 2 -4.00 19.89 -31.81
CA PRO A 2 -3.29 19.46 -30.60
C PRO A 2 -3.39 20.47 -29.46
N HIS A 3 -3.22 20.00 -28.24
CA HIS A 3 -3.25 20.84 -27.04
C HIS A 3 -2.12 20.45 -26.09
N MET A 4 -1.81 21.32 -25.13
CA MET A 4 -0.76 21.06 -24.15
C MET A 4 -1.06 21.62 -22.76
N VAL A 5 -0.75 20.81 -21.75
CA VAL A 5 -0.82 21.23 -20.34
C VAL A 5 0.58 21.23 -19.71
N ILE A 6 0.86 22.25 -18.90
CA ILE A 6 2.13 22.38 -18.18
C ILE A 6 1.89 22.29 -16.67
N ARG A 7 2.64 21.40 -16.01
CA ARG A 7 2.57 21.26 -14.55
C ARG A 7 3.93 21.55 -13.92
N LEU A 17 -8.66 15.02 -3.67
CA LEU A 17 -7.91 14.27 -2.65
C LEU A 17 -7.95 12.76 -2.87
N ALA A 18 -6.79 12.14 -2.90
CA ALA A 18 -6.72 10.69 -3.01
C ALA A 18 -6.71 10.07 -1.61
N ALA A 19 -7.34 8.90 -1.49
CA ALA A 19 -7.33 8.13 -0.24
C ALA A 19 -5.91 7.66 0.07
N SER A 20 -5.64 7.37 1.34
CA SER A 20 -4.36 6.76 1.72
C SER A 20 -4.24 5.42 1.00
N ILE A 21 -3.02 4.92 0.91
CA ILE A 21 -2.77 3.65 0.23
C ILE A 21 -3.54 2.48 0.86
N SER A 22 -3.58 2.43 2.20
CA SER A 22 -4.29 1.33 2.88
C SER A 22 -5.79 1.38 2.60
N HIS A 23 -6.38 2.57 2.65
CA HIS A 23 -7.80 2.70 2.31
C HIS A 23 -8.08 2.31 0.87
N GLU A 24 -7.21 2.73 -0.05
CA GLU A 24 -7.38 2.45 -1.48
C GLU A 24 -7.32 0.96 -1.80
N ILE A 25 -6.45 0.24 -1.09
CA ILE A 25 -6.31 -1.21 -1.28
C ILE A 25 -7.32 -2.00 -0.45
N ARG A 26 -7.58 -1.56 0.78
CA ARG A 26 -8.51 -2.27 1.66
C ARG A 26 -9.95 -2.25 1.16
N ASN A 27 -10.37 -1.14 0.54
CA ASN A 27 -11.71 -1.05 -0.02
C ASN A 27 -12.07 -2.25 -0.92
N PRO A 28 -11.32 -2.47 -2.02
CA PRO A 28 -11.63 -3.64 -2.85
C PRO A 28 -11.42 -4.99 -2.18
N LEU A 29 -10.45 -5.10 -1.28
CA LEU A 29 -10.21 -6.35 -0.56
C LEU A 29 -11.34 -6.68 0.44
N THR A 30 -11.91 -5.64 1.04
CA THR A 30 -13.10 -5.77 1.88
C THR A 30 -14.26 -6.34 1.06
N ALA A 31 -14.49 -5.77 -0.13
CA ALA A 31 -15.58 -6.22 -1.01
C ALA A 31 -15.35 -7.65 -1.48
N ALA A 32 -14.12 -7.96 -1.89
CA ALA A 32 -13.78 -9.31 -2.32
C ALA A 32 -14.01 -10.36 -1.22
N ARG A 33 -13.55 -10.05 0.00
CA ARG A 33 -13.71 -10.94 1.16
C ARG A 33 -15.17 -11.23 1.45
N GLY A 34 -15.99 -10.18 1.42
CA GLY A 34 -17.43 -10.32 1.71
C GLY A 34 -18.16 -11.16 0.68
N PHE A 35 -17.92 -10.88 -0.60
CA PHE A 35 -18.59 -11.65 -1.67
C PHE A 35 -18.10 -13.09 -1.78
N ILE A 36 -16.81 -13.32 -1.50
CA ILE A 36 -16.30 -14.69 -1.38
C ILE A 36 -17.08 -15.47 -0.32
N GLN A 37 -17.27 -14.85 0.85
CA GLN A 37 -17.97 -15.48 1.96
C GLN A 37 -19.47 -15.68 1.69
N LEU A 38 -20.04 -14.86 0.81
CA LEU A 38 -21.45 -14.99 0.44
C LEU A 38 -21.74 -16.12 -0.56
N ILE A 39 -20.71 -16.62 -1.25
CA ILE A 39 -20.89 -17.69 -2.24
C ILE A 39 -21.66 -18.88 -1.65
N GLU A 40 -21.27 -19.33 -0.47
CA GLU A 40 -21.95 -20.48 0.12
C GLU A 40 -23.34 -20.17 0.67
N GLU A 41 -23.71 -18.89 0.59
CA GLU A 41 -25.03 -18.45 1.00
C GLU A 41 -26.03 -18.45 -0.16
N GLN A 42 -25.58 -18.92 -1.34
CA GLN A 42 -26.49 -19.18 -2.47
C GLN A 42 -26.40 -20.64 -2.96
N PRO A 43 -26.71 -21.61 -2.09
CA PRO A 43 -26.50 -23.02 -2.45
C PRO A 43 -27.39 -23.56 -3.58
N LEU A 44 -28.45 -22.85 -3.92
CA LEU A 44 -29.38 -23.30 -4.95
C LEU A 44 -29.28 -22.51 -6.27
N ALA A 45 -28.50 -21.43 -6.27
CA ALA A 45 -28.42 -20.57 -7.44
C ALA A 45 -26.99 -20.41 -7.93
N ALA A 46 -26.61 -21.26 -8.89
CA ALA A 46 -25.27 -21.21 -9.48
C ALA A 46 -24.96 -19.86 -10.13
N ASP A 47 -25.96 -19.19 -10.69
CA ASP A 47 -25.73 -17.88 -11.31
C ASP A 47 -25.40 -16.78 -10.30
N LYS A 48 -25.99 -16.86 -9.12
CA LYS A 48 -25.71 -15.90 -8.05
C LYS A 48 -24.35 -16.14 -7.42
N ARG A 49 -23.98 -17.42 -7.28
CA ARG A 49 -22.65 -17.80 -6.81
C ARG A 49 -21.61 -17.29 -7.78
N ARG A 50 -21.87 -17.47 -9.07
CA ARG A 50 -20.96 -17.00 -10.11
C ARG A 50 -20.81 -15.48 -10.15
N GLN A 51 -21.91 -14.76 -9.94
CA GLN A 51 -21.86 -13.29 -9.89
C GLN A 51 -21.00 -12.81 -8.72
N TYR A 52 -21.19 -13.42 -7.55
CA TYR A 52 -20.37 -13.13 -6.37
C TYR A 52 -18.88 -13.35 -6.65
N ALA A 53 -18.57 -14.48 -7.28
CA ALA A 53 -17.18 -14.83 -7.60
C ALA A 53 -16.60 -13.82 -8.59
N ARG A 54 -17.40 -13.42 -9.57
CA ARG A 54 -16.99 -12.45 -10.58
C ARG A 54 -16.69 -11.08 -9.98
N ILE A 55 -17.53 -10.65 -9.05
CA ILE A 55 -17.33 -9.38 -8.34
C ILE A 55 -16.07 -9.45 -7.49
N ALA A 56 -15.89 -10.55 -6.76
CA ALA A 56 -14.68 -10.74 -5.96
C ALA A 56 -13.42 -10.65 -6.80
N ILE A 57 -13.42 -11.34 -7.94
CA ILE A 57 -12.28 -11.33 -8.84
C ILE A 57 -12.03 -9.91 -9.40
N GLU A 58 -13.10 -9.22 -9.78
CA GLU A 58 -13.01 -7.84 -10.23
C GLU A 58 -12.36 -6.92 -9.18
N GLU A 59 -12.75 -7.09 -7.92
CA GLU A 59 -12.21 -6.28 -6.82
C GLU A 59 -10.75 -6.60 -6.53
N LEU A 60 -10.40 -7.88 -6.63
CA LEU A 60 -9.00 -8.31 -6.53
C LEU A 60 -8.16 -7.71 -7.66
N ASP A 61 -8.73 -7.62 -8.85
CA ASP A 61 -8.04 -7.00 -9.98
C ASP A 61 -7.87 -5.48 -9.78
N ARG A 62 -8.83 -4.85 -9.11
CA ARG A 62 -8.72 -3.45 -8.69
C ARG A 62 -7.56 -3.24 -7.73
N ALA A 63 -7.47 -4.09 -6.72
CA ALA A 63 -6.34 -4.09 -5.78
C ALA A 63 -5.00 -4.20 -6.52
N GLU A 64 -4.94 -5.10 -7.51
CA GLU A 64 -3.74 -5.31 -8.32
C GLU A 64 -3.38 -4.07 -9.14
N ALA A 65 -4.39 -3.37 -9.65
CA ALA A 65 -4.18 -2.13 -10.39
C ALA A 65 -3.57 -1.03 -9.50
N ILE A 66 -4.09 -0.91 -8.28
CA ILE A 66 -3.59 0.05 -7.30
C ILE A 66 -2.14 -0.25 -6.93
N ILE A 67 -1.84 -1.53 -6.69
CA ILE A 67 -0.46 -1.98 -6.42
C ILE A 67 0.48 -1.59 -7.57
N THR A 68 0.03 -1.79 -8.81
CA THR A 68 0.80 -1.41 -9.99
C THR A 68 1.11 0.09 -10.03
N ASP A 69 0.09 0.91 -9.77
CA ASP A 69 0.25 2.38 -9.79
C ASP A 69 1.13 2.94 -8.67
N TYR A 70 1.06 2.30 -7.50
CA TYR A 70 1.65 2.86 -6.27
C TYR A 70 2.87 2.13 -5.75
N LEU A 71 2.96 0.83 -6.02
CA LEU A 71 3.87 -0.03 -5.27
C LEU A 71 4.68 -1.03 -6.09
N THR A 72 4.85 -0.77 -7.39
CA THR A 72 5.58 -1.69 -8.26
C THR A 72 7.04 -1.90 -7.80
N PHE A 73 7.66 -0.85 -7.29
CA PHE A 73 9.08 -0.89 -6.93
C PHE A 73 9.33 -0.72 -5.44
N ALA A 74 8.34 -0.19 -4.72
CA ALA A 74 8.47 0.13 -3.31
C ALA A 74 8.99 -1.06 -2.48
N LYS A 75 10.02 -0.80 -1.69
CA LYS A 75 10.59 -1.78 -0.76
C LYS A 75 10.25 -1.36 0.66
N PRO A 76 10.21 -2.34 1.60
CA PRO A 76 9.84 -2.03 3.00
C PRO A 76 10.98 -1.40 3.81
N ALA A 77 11.44 -0.23 3.35
CA ALA A 77 12.51 0.52 3.98
C ALA A 77 12.43 1.96 3.45
N PRO A 78 12.71 2.96 4.32
CA PRO A 78 12.72 4.33 3.79
C PRO A 78 13.83 4.51 2.76
N GLU A 79 13.52 5.20 1.66
CA GLU A 79 14.49 5.49 0.62
C GLU A 79 15.36 6.68 0.98
N THR A 80 16.56 6.71 0.43
CA THR A 80 17.46 7.87 0.53
C THR A 80 17.77 8.42 -0.86
N PRO A 81 17.78 9.77 -1.00
CA PRO A 81 18.07 10.42 -2.29
C PRO A 81 19.41 9.99 -2.87
N GLU A 82 19.44 9.79 -4.18
CA GLU A 82 20.57 9.16 -4.84
C GLU A 82 20.80 9.73 -6.24
N LYS A 83 22.05 9.68 -6.69
CA LYS A 83 22.42 10.04 -8.06
C LYS A 83 21.98 8.91 -9.00
N LEU A 84 20.94 9.17 -9.79
CA LEU A 84 20.33 8.16 -10.64
C LEU A 84 20.73 8.27 -12.11
N ASN A 85 21.27 7.17 -12.65
CA ASN A 85 21.57 7.07 -14.07
C ASN A 85 20.28 6.87 -14.86
N VAL A 86 19.81 7.94 -15.49
CA VAL A 86 18.53 7.96 -16.18
C VAL A 86 18.41 6.90 -17.30
N LYS A 87 19.50 6.67 -18.03
CA LYS A 87 19.54 5.63 -19.06
C LYS A 87 19.26 4.24 -18.48
N LEU A 88 19.93 3.91 -17.38
CA LEU A 88 19.77 2.62 -16.72
C LEU A 88 18.37 2.43 -16.14
N GLU A 89 17.83 3.48 -15.53
CA GLU A 89 16.50 3.44 -14.92
C GLU A 89 15.40 3.25 -15.96
N ILE A 90 15.51 3.96 -17.09
CA ILE A 90 14.56 3.82 -18.18
C ILE A 90 14.60 2.42 -18.79
N GLU A 91 15.82 1.91 -19.03
CA GLU A 91 16.03 0.57 -19.61
C GLU A 91 15.39 -0.54 -18.77
N ARG A 92 15.46 -0.42 -17.45
CA ARG A 92 14.85 -1.40 -16.55
C ARG A 92 13.33 -1.35 -16.58
N VAL A 93 12.78 -0.14 -16.59
CA VAL A 93 11.34 0.07 -16.75
C VAL A 93 10.85 -0.46 -18.09
N ILE A 94 11.62 -0.19 -19.15
CA ILE A 94 11.33 -0.70 -20.50
C ILE A 94 11.34 -2.23 -20.52
N ASP A 95 12.35 -2.84 -19.90
CA ASP A 95 12.45 -4.30 -19.79
C ASP A 95 11.21 -4.91 -19.11
N ILE A 96 10.70 -4.21 -18.10
CA ILE A 96 9.51 -4.65 -17.35
C ILE A 96 8.24 -4.56 -18.20
N LEU A 97 8.12 -3.48 -18.98
CA LEU A 97 6.95 -3.26 -19.82
C LEU A 97 7.07 -3.88 -21.22
N ARG A 98 8.23 -4.48 -21.49
CA ARG A 98 8.52 -5.11 -22.78
C ARG A 98 7.50 -6.20 -23.19
N PRO A 99 7.13 -7.12 -22.26
CA PRO A 99 6.08 -8.09 -22.58
C PRO A 99 4.71 -7.47 -22.85
N LEU A 100 4.42 -6.33 -22.23
CA LEU A 100 3.16 -5.62 -22.46
C LEU A 100 3.12 -4.93 -23.83
N ALA A 101 4.28 -4.47 -24.29
CA ALA A 101 4.42 -3.89 -25.62
C ALA A 101 4.16 -4.93 -26.70
N ASN A 102 4.69 -6.14 -26.48
CA ASN A 102 4.29 -7.31 -27.25
C ASN A 102 2.87 -7.71 -26.84
N MET A 103 2.17 -8.43 -27.71
CA MET A 103 0.75 -8.77 -27.49
C MET A 103 -0.14 -7.59 -27.90
N SER A 104 0.35 -6.37 -27.70
CA SER A 104 -0.32 -5.16 -28.17
C SER A 104 0.42 -4.53 -29.37
N CYS A 105 1.44 -5.24 -29.87
CA CYS A 105 2.20 -4.86 -31.07
C CYS A 105 2.81 -3.46 -31.04
N VAL A 106 3.43 -3.11 -29.90
CA VAL A 106 4.05 -1.80 -29.72
C VAL A 106 5.57 -1.88 -29.92
N ASP A 107 6.07 -1.05 -30.83
CA ASP A 107 7.50 -0.96 -31.10
C ASP A 107 8.14 0.09 -30.19
N ILE A 108 9.06 -0.35 -29.34
CA ILE A 108 9.78 0.55 -28.44
C ILE A 108 11.07 1.04 -29.10
N GLN A 109 11.18 2.36 -29.24
CA GLN A 109 12.39 2.98 -29.78
C GLN A 109 13.06 3.83 -28.71
N ALA A 110 14.22 3.36 -28.25
CA ALA A 110 14.93 4.01 -27.15
C ALA A 110 16.22 4.69 -27.60
N THR A 111 16.20 6.01 -27.60
CA THR A 111 17.40 6.82 -27.79
C THR A 111 17.71 7.48 -26.45
N LEU A 112 18.69 6.94 -25.75
CA LEU A 112 18.96 7.33 -24.38
C LEU A 112 20.39 7.84 -24.15
N ALA A 113 20.55 8.62 -23.08
CA ALA A 113 21.87 9.12 -22.67
C ALA A 113 22.02 9.00 -21.14
N PRO A 114 23.20 8.57 -20.67
CA PRO A 114 23.42 8.33 -19.24
C PRO A 114 23.62 9.61 -18.40
N PHE A 115 22.66 10.52 -18.46
CA PHE A 115 22.68 11.70 -17.59
C PHE A 115 22.21 11.34 -16.19
N SER A 116 22.64 12.13 -15.21
CA SER A 116 22.29 11.88 -13.81
C SER A 116 21.34 12.93 -13.24
N VAL A 117 20.39 12.46 -12.43
CA VAL A 117 19.48 13.32 -11.67
C VAL A 117 19.44 12.85 -10.21
N ILE A 118 19.06 13.73 -9.30
CA ILE A 118 18.89 13.34 -7.90
C ILE A 118 17.45 12.94 -7.62
N GLY A 119 17.29 11.75 -7.04
CA GLY A 119 15.97 11.24 -6.69
C GLY A 119 16.04 9.97 -5.89
N GLU A 120 14.87 9.37 -5.66
CA GLU A 120 14.75 8.09 -4.98
C GLU A 120 14.39 7.02 -6.02
N ARG A 121 15.26 6.02 -6.14
CA ARG A 121 15.21 5.05 -7.24
C ARG A 121 13.83 4.42 -7.48
N GLU A 122 13.23 3.88 -6.42
CA GLU A 122 11.93 3.19 -6.51
C GLU A 122 10.81 4.11 -7.01
N LYS A 123 10.70 5.29 -6.41
CA LYS A 123 9.73 6.31 -6.84
C LYS A 123 9.95 6.79 -8.27
N PHE A 124 11.20 6.99 -8.66
CA PHE A 124 11.52 7.45 -10.01
C PHE A 124 11.12 6.40 -11.04
N ARG A 125 11.41 5.14 -10.74
CA ARG A 125 11.00 4.01 -11.57
C ARG A 125 9.47 3.91 -11.67
N GLN A 126 8.80 4.15 -10.54
CA GLN A 126 7.33 4.14 -10.47
C GLN A 126 6.74 5.22 -11.38
N CYS A 127 7.31 6.42 -11.31
CA CYS A 127 6.93 7.55 -12.15
C CYS A 127 7.06 7.20 -13.64
N LEU A 128 8.23 6.69 -14.02
CA LEU A 128 8.50 6.27 -15.40
C LEU A 128 7.56 5.17 -15.89
N LEU A 129 7.32 4.17 -15.04
CA LEU A 129 6.41 3.07 -15.38
C LEU A 129 5.00 3.55 -15.67
N ASN A 130 4.48 4.43 -14.81
CA ASN A 130 3.11 4.93 -14.95
C ASN A 130 2.89 5.67 -16.25
N VAL A 131 3.87 6.49 -16.63
CA VAL A 131 3.82 7.23 -17.91
C VAL A 131 3.88 6.29 -19.10
N MET A 132 4.86 5.39 -19.10
CA MET A 132 5.11 4.46 -20.19
C MET A 132 4.00 3.41 -20.36
N LYS A 133 3.40 3.00 -19.24
CA LYS A 133 2.30 2.03 -19.28
C LYS A 133 1.06 2.65 -19.90
N ASN A 134 0.78 3.90 -19.55
CA ASN A 134 -0.27 4.69 -20.19
C ASN A 134 -0.09 4.80 -21.70
N ALA A 135 1.15 4.98 -22.13
CA ALA A 135 1.47 5.13 -23.55
C ALA A 135 1.19 3.84 -24.32
N ILE A 136 1.55 2.70 -23.71
CA ILE A 136 1.32 1.38 -24.29
C ILE A 136 -0.18 1.06 -24.34
N GLU A 137 -0.90 1.42 -23.28
CA GLU A 137 -2.35 1.20 -23.18
C GLU A 137 -3.14 2.08 -24.14
N ALA A 138 -2.55 3.18 -24.58
CA ALA A 138 -3.15 4.07 -25.58
C ALA A 138 -3.01 3.49 -26.98
N MET A 139 -2.20 2.44 -27.12
CA MET A 139 -1.97 1.78 -28.41
C MET A 139 -2.36 0.28 -28.32
N PRO A 140 -3.67 -0.01 -28.14
CA PRO A 140 -4.09 -1.40 -27.90
C PRO A 140 -3.85 -2.34 -29.10
N ASN A 141 -4.02 -1.84 -30.31
CA ASN A 141 -3.78 -2.64 -31.51
C ASN A 141 -2.69 -2.06 -32.42
N GLY A 142 -1.47 -1.99 -31.88
CA GLY A 142 -0.31 -1.54 -32.64
C GLY A 142 0.03 -0.09 -32.40
N GLY A 143 1.33 0.22 -32.52
CA GLY A 143 1.81 1.59 -32.37
C GLY A 143 3.32 1.69 -32.23
N THR A 144 3.80 2.86 -31.81
CA THR A 144 5.22 3.11 -31.61
C THR A 144 5.44 3.90 -30.32
N LEU A 145 6.31 3.39 -29.45
CA LEU A 145 6.68 4.07 -28.22
C LEU A 145 8.09 4.65 -28.34
N GLN A 146 8.20 5.96 -28.19
CA GLN A 146 9.48 6.65 -28.30
C GLN A 146 9.92 7.21 -26.95
N VAL A 147 11.11 6.81 -26.52
CA VAL A 147 11.70 7.34 -25.29
C VAL A 147 12.99 8.06 -25.65
N TYR A 148 13.09 9.33 -25.24
CA TYR A 148 14.16 10.21 -25.70
C TYR A 148 14.79 11.00 -24.54
N VAL A 149 16.11 10.92 -24.43
CA VAL A 149 16.85 11.64 -23.40
C VAL A 149 17.76 12.69 -24.05
N SER A 150 17.67 13.93 -23.57
CA SER A 150 18.51 15.03 -24.05
C SER A 150 18.63 16.12 -22.99
N ILE A 151 19.52 17.08 -23.24
CA ILE A 151 19.62 18.28 -22.42
C ILE A 151 18.78 19.37 -23.07
N ASP A 152 17.81 19.88 -22.32
CA ASP A 152 16.98 20.98 -22.79
C ASP A 152 17.18 22.18 -21.89
N ASN A 153 17.90 23.17 -22.41
CA ASN A 153 18.21 24.42 -21.70
C ASN A 153 18.66 24.23 -20.24
N GLY A 154 19.71 23.44 -20.06
CA GLY A 154 20.36 23.26 -18.77
C GLY A 154 19.83 22.11 -17.92
N ARG A 155 18.74 21.48 -18.38
CA ARG A 155 18.07 20.44 -17.61
C ARG A 155 17.86 19.15 -18.39
N VAL A 156 17.80 18.03 -17.68
CA VAL A 156 17.57 16.71 -18.28
C VAL A 156 16.13 16.61 -18.77
N LEU A 157 15.97 16.37 -20.07
CA LEU A 157 14.65 16.15 -20.65
C LEU A 157 14.41 14.69 -20.99
N ILE A 158 13.35 14.13 -20.42
CA ILE A 158 12.87 12.80 -20.78
C ILE A 158 11.51 12.98 -21.42
N ARG A 159 11.39 12.64 -22.70
CA ARG A 159 10.08 12.68 -23.34
C ARG A 159 9.63 11.30 -23.83
N ILE A 160 8.34 11.03 -23.62
CA ILE A 160 7.74 9.74 -23.88
C ILE A 160 6.59 9.94 -24.85
N ALA A 161 6.81 9.56 -26.11
CA ALA A 161 5.82 9.75 -27.17
C ALA A 161 5.18 8.44 -27.60
N ASP A 162 3.88 8.52 -27.88
CA ASP A 162 3.12 7.38 -28.39
C ASP A 162 2.27 7.82 -29.58
N THR A 163 1.91 6.86 -30.43
CA THR A 163 1.06 7.11 -31.58
C THR A 163 -0.35 6.59 -31.32
N GLY A 164 -0.79 6.75 -30.07
CA GLY A 164 -2.05 6.17 -29.60
C GLY A 164 -3.30 7.00 -29.80
N VAL A 165 -4.31 6.71 -28.99
CA VAL A 165 -5.64 7.30 -29.11
C VAL A 165 -5.68 8.81 -28.86
N GLY A 166 -4.71 9.32 -28.12
CA GLY A 166 -4.63 10.74 -27.79
C GLY A 166 -5.66 11.18 -26.76
N MET A 167 -5.70 12.48 -26.49
CA MET A 167 -6.66 13.07 -25.58
C MET A 167 -7.26 14.35 -26.16
N THR A 168 -8.53 14.59 -25.87
CA THR A 168 -9.19 15.86 -26.17
C THR A 168 -8.65 16.91 -25.19
N LYS A 169 -8.99 18.18 -25.43
CA LYS A 169 -8.59 19.26 -24.53
C LYS A 169 -9.15 19.07 -23.11
N GLU A 170 -10.41 18.63 -23.03
CA GLU A 170 -11.08 18.38 -21.75
C GLU A 170 -10.37 17.30 -20.94
N GLN A 171 -10.08 16.17 -21.60
CA GLN A 171 -9.39 15.04 -20.98
C GLN A 171 -7.99 15.43 -20.49
N LEU A 172 -7.28 16.18 -21.34
CA LEU A 172 -5.90 16.58 -21.08
C LEU A 172 -5.78 17.51 -19.86
N GLU A 173 -6.73 18.42 -19.70
CA GLU A 173 -6.78 19.32 -18.56
C GLU A 173 -7.16 18.58 -17.26
N ARG A 174 -7.78 17.41 -17.40
CA ARG A 174 -8.16 16.59 -16.25
C ARG A 174 -7.16 15.46 -15.96
N LEU A 175 -6.17 15.31 -16.84
CA LEU A 175 -5.14 14.29 -16.68
C LEU A 175 -4.39 14.49 -15.36
N GLY A 176 -4.43 13.47 -14.50
CA GLY A 176 -3.76 13.54 -13.20
C GLY A 176 -4.66 13.90 -12.04
N GLU A 177 -5.89 14.33 -12.36
CA GLU A 177 -6.95 14.48 -11.36
C GLU A 177 -7.22 13.11 -10.74
N PRO A 178 -7.23 13.03 -9.39
CA PRO A 178 -7.44 11.73 -8.75
C PRO A 178 -8.77 11.10 -9.17
N TYR A 179 -8.70 9.83 -9.55
CA TYR A 179 -9.86 9.02 -9.96
C TYR A 179 -10.44 9.35 -11.35
N PHE A 180 -9.82 10.27 -12.08
CA PHE A 180 -10.25 10.52 -13.46
C PHE A 180 -9.64 9.48 -14.38
N THR A 181 -10.50 8.69 -15.01
CA THR A 181 -10.08 7.64 -15.92
C THR A 181 -11.12 7.44 -17.03
N THR A 182 -10.64 7.02 -18.19
CA THR A 182 -11.51 6.69 -19.33
C THR A 182 -11.48 5.19 -19.64
N LYS A 183 -10.88 4.41 -18.74
CA LYS A 183 -10.61 3.00 -19.00
C LYS A 183 -11.62 2.04 -18.36
N GLY A 184 -12.71 2.60 -17.84
CA GLY A 184 -13.76 1.82 -17.20
C GLY A 184 -13.28 1.14 -15.93
N VAL A 185 -13.64 -0.13 -15.78
CA VAL A 185 -13.34 -0.91 -14.59
C VAL A 185 -11.83 -1.16 -14.39
N LYS A 186 -11.08 -1.20 -15.49
CA LYS A 186 -9.63 -1.40 -15.43
C LYS A 186 -8.84 -0.15 -15.07
N GLY A 187 -9.52 1.00 -15.09
CA GLY A 187 -8.90 2.28 -14.77
C GLY A 187 -8.91 2.60 -13.28
N THR A 188 -7.90 3.34 -12.82
CA THR A 188 -7.84 3.85 -11.46
C THR A 188 -7.87 5.39 -11.45
N GLY A 189 -7.25 6.01 -12.44
CA GLY A 189 -7.11 7.46 -12.47
C GLY A 189 -6.15 8.00 -11.42
N LEU A 190 -5.24 7.13 -10.97
CA LEU A 190 -4.30 7.48 -9.90
C LEU A 190 -2.83 7.39 -10.35
N GLY A 191 -2.60 6.84 -11.54
CA GLY A 191 -1.25 6.65 -12.07
C GLY A 191 -0.55 7.96 -12.40
N MET A 192 -1.23 8.83 -13.13
CA MET A 192 -0.64 10.13 -13.48
C MET A 192 -0.50 11.07 -12.29
N MET A 193 -1.43 10.98 -11.35
CA MET A 193 -1.39 11.76 -10.11
C MET A 193 -0.07 11.56 -9.35
N VAL A 194 0.39 10.32 -9.25
CA VAL A 194 1.65 10.06 -8.56
C VAL A 194 2.86 10.49 -9.41
N VAL A 195 2.73 10.40 -10.73
CA VAL A 195 3.75 10.96 -11.64
C VAL A 195 4.02 12.42 -11.30
N TYR A 196 2.95 13.22 -11.18
CA TYR A 196 3.07 14.64 -10.85
C TYR A 196 3.76 14.86 -9.51
N ARG A 197 3.31 14.13 -8.49
CA ARG A 197 3.83 14.24 -7.13
C ARG A 197 5.32 13.89 -7.06
N ILE A 198 5.71 12.81 -7.76
CA ILE A 198 7.12 12.40 -7.80
C ILE A 198 7.98 13.44 -8.52
N ILE A 199 7.53 13.91 -9.68
CA ILE A 199 8.26 14.93 -10.44
C ILE A 199 8.46 16.20 -9.63
N GLU A 200 7.40 16.65 -8.96
CA GLU A 200 7.47 17.82 -8.07
C GLU A 200 8.52 17.65 -6.97
N SER A 201 8.53 16.47 -6.35
CA SER A 201 9.46 16.19 -5.25
C SER A 201 10.91 16.18 -5.69
N MET A 202 11.13 15.93 -6.99
CA MET A 202 12.46 15.92 -7.58
C MET A 202 12.83 17.29 -8.15
N ASN A 203 12.05 18.31 -7.80
CA ASN A 203 12.20 19.67 -8.30
C ASN A 203 12.18 19.75 -9.83
N GLY A 204 11.30 18.97 -10.44
CA GLY A 204 11.16 18.94 -11.89
C GLY A 204 9.86 19.53 -12.38
N THR A 205 9.68 19.51 -13.70
CA THR A 205 8.42 19.95 -14.33
C THR A 205 8.01 18.94 -15.39
N ILE A 206 6.74 18.99 -15.78
CA ILE A 206 6.18 18.06 -16.76
C ILE A 206 5.24 18.77 -17.75
N ARG A 207 5.40 18.45 -19.03
CA ARG A 207 4.49 18.92 -20.07
C ARG A 207 3.90 17.73 -20.81
N ILE A 208 2.60 17.80 -21.09
CA ILE A 208 1.92 16.77 -21.87
C ILE A 208 1.21 17.40 -23.06
N GLU A 209 1.64 17.03 -24.26
CA GLU A 209 0.98 17.42 -25.50
C GLU A 209 0.27 16.20 -26.07
N SER A 210 -0.98 16.39 -26.49
CA SER A 210 -1.71 15.32 -27.18
C SER A 210 -2.77 15.83 -28.15
N GLU A 211 -3.06 15.01 -29.15
CA GLU A 211 -4.10 15.28 -30.12
C GLU A 211 -4.88 13.99 -30.33
N ILE A 212 -6.20 14.06 -30.21
CA ILE A 212 -7.06 12.89 -30.34
C ILE A 212 -6.78 12.14 -31.66
N HIS A 213 -6.69 10.81 -31.55
CA HIS A 213 -6.42 9.89 -32.66
C HIS A 213 -4.96 9.86 -33.15
N LYS A 214 -4.17 10.87 -32.78
CA LYS A 214 -2.79 10.97 -33.27
C LYS A 214 -1.74 10.49 -32.28
N GLY A 215 -1.90 10.84 -31.00
CA GLY A 215 -0.98 10.38 -29.96
C GLY A 215 -0.73 11.37 -28.83
N THR A 216 0.29 11.08 -28.03
CA THR A 216 0.59 11.86 -26.83
C THR A 216 2.10 11.90 -26.56
N THR A 217 2.62 13.09 -26.26
CA THR A 217 4.00 13.26 -25.84
C THR A 217 4.07 13.82 -24.41
N VAL A 218 4.71 13.06 -23.52
CA VAL A 218 4.94 13.49 -22.15
C VAL A 218 6.40 13.93 -22.01
N SER A 219 6.60 15.18 -21.57
CA SER A 219 7.94 15.74 -21.42
C SER A 219 8.27 15.99 -19.94
N ILE A 220 9.27 15.26 -19.45
CA ILE A 220 9.74 15.40 -18.07
C ILE A 220 11.05 16.17 -18.03
N TYR A 221 11.08 17.25 -17.25
CA TYR A 221 12.28 18.08 -17.12
C TYR A 221 12.83 17.99 -15.71
N LEU A 222 14.08 17.56 -15.58
CA LEU A 222 14.71 17.37 -14.28
C LEU A 222 16.06 18.08 -14.16
N PRO A 223 16.39 18.58 -12.95
CA PRO A 223 17.69 19.22 -12.73
C PRO A 223 18.84 18.25 -12.95
N LEU A 224 19.89 18.70 -13.63
CA LEU A 224 21.05 17.88 -13.91
C LEU A 224 21.95 17.76 -12.68
N ALA A 225 22.31 16.53 -12.35
CA ALA A 225 23.29 16.25 -11.30
C ALA A 225 24.68 16.11 -11.90
N SER A 226 25.70 16.48 -11.15
CA SER A 226 27.09 16.42 -11.62
C SER A 226 27.63 14.99 -11.59
N GLY B 1 13.99 -9.55 36.86
CA GLY B 1 14.33 -10.88 37.44
C GLY B 1 15.47 -11.57 36.70
N PRO B 2 15.76 -12.84 37.05
CA PRO B 2 16.94 -13.54 36.53
C PRO B 2 16.86 -13.95 35.05
N HIS B 3 15.67 -13.89 34.44
CA HIS B 3 15.49 -14.25 33.04
C HIS B 3 15.51 -13.03 32.11
N MET B 4 15.73 -11.86 32.70
CA MET B 4 15.78 -10.60 31.98
C MET B 4 16.85 -10.64 30.90
N VAL B 5 16.47 -10.27 29.69
CA VAL B 5 17.40 -10.21 28.55
C VAL B 5 17.28 -8.84 27.88
N ILE B 6 18.38 -8.40 27.27
CA ILE B 6 18.46 -7.04 26.74
C ILE B 6 18.95 -7.04 25.30
N ARG B 7 18.41 -6.11 24.52
CA ARG B 7 18.96 -5.79 23.22
C ARG B 7 19.40 -4.33 23.24
N ALA B 8 20.70 -4.13 23.12
CA ALA B 8 21.34 -2.82 23.25
C ALA B 8 21.12 -1.94 22.02
N GLU B 9 21.19 -0.62 22.25
CA GLU B 9 21.17 0.37 21.17
C GLU B 9 22.22 0.00 20.11
N LYS B 10 21.80 0.04 18.84
CA LYS B 10 22.62 -0.41 17.71
C LYS B 10 23.09 -1.85 17.87
N HIS B 16 18.66 -10.22 7.55
CA HIS B 16 18.78 -9.41 6.33
C HIS B 16 18.01 -10.03 5.16
N LEU B 17 17.27 -9.18 4.43
CA LEU B 17 16.64 -9.48 3.11
C LEU B 17 15.13 -9.84 3.07
N ALA B 18 14.29 -8.85 2.76
CA ALA B 18 12.86 -9.09 2.60
C ALA B 18 12.40 -8.84 1.16
N ALA B 19 11.28 -9.44 0.77
CA ALA B 19 10.67 -9.19 -0.52
C ALA B 19 10.20 -7.74 -0.65
N SER B 20 10.15 -7.24 -1.88
CA SER B 20 9.53 -5.95 -2.14
C SER B 20 8.07 -5.98 -1.70
N ILE B 21 7.48 -4.81 -1.47
CA ILE B 21 6.10 -4.73 -0.98
C ILE B 21 5.10 -5.38 -1.96
N SER B 22 5.29 -5.14 -3.25
CA SER B 22 4.40 -5.68 -4.27
C SER B 22 4.47 -7.20 -4.28
N HIS B 23 5.69 -7.74 -4.18
CA HIS B 23 5.89 -9.18 -4.16
C HIS B 23 5.22 -9.82 -2.94
N GLU B 24 5.41 -9.19 -1.79
CA GLU B 24 4.83 -9.68 -0.52
C GLU B 24 3.30 -9.67 -0.51
N ILE B 25 2.70 -8.66 -1.13
CA ILE B 25 1.23 -8.60 -1.20
C ILE B 25 0.68 -9.43 -2.35
N ARG B 26 1.39 -9.43 -3.49
CA ARG B 26 0.93 -10.16 -4.67
C ARG B 26 0.87 -11.68 -4.49
N ASN B 27 1.81 -12.24 -3.74
CA ASN B 27 1.78 -13.69 -3.48
C ASN B 27 0.42 -14.18 -2.94
N PRO B 28 -0.03 -13.65 -1.78
CA PRO B 28 -1.36 -14.08 -1.31
C PRO B 28 -2.52 -13.64 -2.20
N LEU B 29 -2.44 -12.45 -2.79
CA LEU B 29 -3.49 -11.95 -3.67
C LEU B 29 -3.70 -12.83 -4.90
N THR B 30 -2.60 -13.24 -5.51
CA THR B 30 -2.60 -14.16 -6.65
C THR B 30 -3.27 -15.48 -6.31
N ALA B 31 -2.93 -16.03 -5.15
CA ALA B 31 -3.53 -17.28 -4.67
C ALA B 31 -5.02 -17.15 -4.43
N ALA B 32 -5.43 -16.07 -3.76
CA ALA B 32 -6.86 -15.81 -3.52
C ALA B 32 -7.64 -15.71 -4.82
N ARG B 33 -7.09 -14.97 -5.79
CA ARG B 33 -7.73 -14.81 -7.10
C ARG B 33 -7.82 -16.15 -7.81
N GLY B 34 -6.73 -16.92 -7.76
CA GLY B 34 -6.65 -18.25 -8.35
C GLY B 34 -7.72 -19.19 -7.84
N PHE B 35 -7.91 -19.22 -6.52
CA PHE B 35 -8.95 -20.07 -5.93
C PHE B 35 -10.37 -19.66 -6.28
N ILE B 36 -10.62 -18.35 -6.34
CA ILE B 36 -11.97 -17.86 -6.70
C ILE B 36 -12.22 -18.07 -8.19
N GLN B 37 -11.15 -17.95 -9.00
CA GLN B 37 -11.22 -18.25 -10.43
C GLN B 37 -11.70 -19.69 -10.68
N LEU B 38 -11.27 -20.61 -9.82
CA LEU B 38 -11.70 -22.02 -9.92
C LEU B 38 -13.21 -22.14 -9.73
N ILE B 39 -13.74 -21.39 -8.78
CA ILE B 39 -15.17 -21.36 -8.49
C ILE B 39 -15.95 -20.70 -9.64
N GLU B 40 -15.38 -19.63 -10.20
CA GLU B 40 -16.05 -18.86 -11.26
C GLU B 40 -16.14 -19.60 -12.59
N GLU B 41 -15.03 -20.23 -13.00
CA GLU B 41 -14.88 -20.73 -14.38
C GLU B 41 -15.77 -21.92 -14.74
N GLN B 42 -16.18 -22.69 -13.75
CA GLN B 42 -17.06 -23.84 -13.95
C GLN B 42 -17.80 -24.19 -12.65
N PRO B 43 -18.98 -24.83 -12.75
CA PRO B 43 -19.69 -25.24 -11.54
C PRO B 43 -18.94 -26.35 -10.78
N LEU B 44 -18.58 -26.07 -9.54
CA LEU B 44 -17.92 -27.05 -8.67
C LEU B 44 -18.90 -27.48 -7.59
N ALA B 45 -18.65 -28.65 -7.00
CA ALA B 45 -19.45 -29.15 -5.89
C ALA B 45 -19.25 -28.28 -4.65
N ALA B 46 -20.22 -28.31 -3.74
CA ALA B 46 -20.21 -27.40 -2.59
C ALA B 46 -18.99 -27.57 -1.68
N ASP B 47 -18.49 -28.79 -1.53
CA ASP B 47 -17.32 -29.03 -0.66
C ASP B 47 -16.05 -28.34 -1.15
N LYS B 48 -15.83 -28.38 -2.47
CA LYS B 48 -14.69 -27.72 -3.08
C LYS B 48 -14.82 -26.20 -3.06
N ARG B 49 -16.02 -25.69 -3.36
CA ARG B 49 -16.28 -24.25 -3.29
C ARG B 49 -15.97 -23.72 -1.90
N ARG B 50 -16.46 -24.43 -0.88
CA ARG B 50 -16.26 -24.04 0.52
C ARG B 50 -14.77 -24.01 0.88
N GLN B 51 -14.04 -25.06 0.47
CA GLN B 51 -12.61 -25.14 0.74
C GLN B 51 -11.83 -24.05 0.01
N TYR B 52 -12.13 -23.85 -1.27
CA TYR B 52 -11.42 -22.85 -2.07
C TYR B 52 -11.66 -21.44 -1.55
N ALA B 53 -12.89 -21.17 -1.12
CA ALA B 53 -13.25 -19.88 -0.52
C ALA B 53 -12.50 -19.65 0.80
N ARG B 54 -12.41 -20.69 1.64
CA ARG B 54 -11.71 -20.60 2.92
C ARG B 54 -10.22 -20.27 2.73
N ILE B 55 -9.56 -20.98 1.80
CA ILE B 55 -8.14 -20.73 1.51
C ILE B 55 -7.93 -19.31 0.97
N ALA B 56 -8.83 -18.89 0.07
CA ALA B 56 -8.82 -17.52 -0.46
C ALA B 56 -8.89 -16.48 0.65
N ILE B 57 -9.78 -16.69 1.62
CA ILE B 57 -9.95 -15.75 2.74
C ILE B 57 -8.70 -15.70 3.64
N GLU B 58 -8.11 -16.86 3.91
CA GLU B 58 -6.87 -16.92 4.67
C GLU B 58 -5.76 -16.15 3.97
N GLU B 59 -5.70 -16.27 2.64
CA GLU B 59 -4.69 -15.55 1.87
C GLU B 59 -4.95 -14.04 1.89
N LEU B 60 -6.23 -13.67 1.87
CA LEU B 60 -6.60 -12.25 2.09
C LEU B 60 -6.23 -11.76 3.48
N ASP B 61 -6.34 -12.64 4.48
CA ASP B 61 -5.82 -12.33 5.83
C ASP B 61 -4.32 -12.00 5.79
N ARG B 62 -3.56 -12.78 5.02
CA ARG B 62 -2.12 -12.54 4.83
C ARG B 62 -1.85 -11.17 4.20
N ALA B 63 -2.53 -10.87 3.10
CA ALA B 63 -2.40 -9.57 2.45
C ALA B 63 -2.67 -8.43 3.44
N GLU B 64 -3.70 -8.60 4.26
CA GLU B 64 -4.09 -7.57 5.24
C GLU B 64 -3.04 -7.37 6.34
N ALA B 65 -2.40 -8.47 6.76
CA ALA B 65 -1.29 -8.40 7.71
C ALA B 65 -0.09 -7.62 7.15
N ILE B 66 0.24 -7.85 5.87
CA ILE B 66 1.34 -7.13 5.22
C ILE B 66 1.00 -5.65 5.08
N ILE B 67 -0.23 -5.35 4.66
CA ILE B 67 -0.73 -3.97 4.59
C ILE B 67 -0.58 -3.29 5.96
N THR B 68 -0.95 -4.00 7.02
CA THR B 68 -0.81 -3.50 8.38
C THR B 68 0.65 -3.14 8.74
N ASP B 69 1.58 -4.05 8.48
CA ASP B 69 3.01 -3.84 8.81
C ASP B 69 3.66 -2.70 8.00
N TYR B 70 3.22 -2.54 6.76
CA TYR B 70 3.94 -1.72 5.77
C TYR B 70 3.24 -0.43 5.36
N LEU B 71 1.91 -0.45 5.33
CA LEU B 71 1.15 0.57 4.61
C LEU B 71 -0.02 1.17 5.39
N THR B 72 -0.05 1.00 6.71
CA THR B 72 -1.19 1.48 7.52
C THR B 72 -1.47 2.99 7.33
N PHE B 73 -0.40 3.78 7.18
CA PHE B 73 -0.51 5.23 7.10
C PHE B 73 -0.04 5.81 5.77
N ALA B 74 0.73 5.03 5.01
CA ALA B 74 1.37 5.51 3.79
C ALA B 74 0.37 6.15 2.83
N LYS B 75 0.72 7.34 2.34
CA LYS B 75 -0.10 8.05 1.37
C LYS B 75 0.61 8.05 0.02
N PRO B 76 -0.15 8.17 -1.09
CA PRO B 76 0.52 8.10 -2.39
C PRO B 76 1.58 9.20 -2.63
N ALA B 77 1.42 10.37 -2.02
CA ALA B 77 2.41 11.45 -2.16
C ALA B 77 3.71 11.21 -1.35
N PRO B 78 4.88 11.38 -2.00
CA PRO B 78 6.16 11.26 -1.29
C PRO B 78 6.23 12.21 -0.10
N GLU B 79 6.70 11.68 1.02
CA GLU B 79 6.73 12.41 2.30
C GLU B 79 7.87 13.41 2.38
N THR B 80 7.63 14.47 3.14
CA THR B 80 8.68 15.43 3.51
C THR B 80 8.82 15.40 5.03
N PRO B 81 10.08 15.45 5.55
CA PRO B 81 10.26 15.50 7.00
C PRO B 81 9.61 16.74 7.62
N GLU B 82 9.01 16.58 8.79
CA GLU B 82 8.34 17.66 9.49
C GLU B 82 8.65 17.63 10.99
N LYS B 83 8.29 18.71 11.67
CA LYS B 83 8.33 18.76 13.11
C LYS B 83 7.11 18.01 13.65
N LEU B 84 7.34 16.86 14.28
CA LEU B 84 6.28 15.98 14.75
C LEU B 84 6.04 16.07 16.26
N ASN B 85 4.81 16.38 16.63
CA ASN B 85 4.36 16.36 18.02
C ASN B 85 4.10 14.92 18.45
N VAL B 86 5.04 14.36 19.21
CA VAL B 86 5.03 12.94 19.58
C VAL B 86 3.76 12.53 20.34
N LYS B 87 3.23 13.41 21.20
CA LYS B 87 1.99 13.14 21.93
C LYS B 87 0.81 12.94 20.98
N LEU B 88 0.65 13.86 20.03
CA LEU B 88 -0.43 13.77 19.05
C LEU B 88 -0.33 12.51 18.18
N GLU B 89 0.89 12.20 17.73
CA GLU B 89 1.12 11.02 16.88
C GLU B 89 0.84 9.72 17.61
N ILE B 90 1.28 9.64 18.86
CA ILE B 90 1.02 8.48 19.72
C ILE B 90 -0.47 8.30 19.99
N GLU B 91 -1.17 9.39 20.28
CA GLU B 91 -2.61 9.35 20.50
C GLU B 91 -3.38 8.79 19.30
N ARG B 92 -2.98 9.20 18.10
CA ARG B 92 -3.55 8.67 16.86
C ARG B 92 -3.38 7.15 16.76
N VAL B 93 -2.17 6.68 17.08
CA VAL B 93 -1.86 5.24 17.00
C VAL B 93 -2.64 4.45 18.05
N ILE B 94 -2.67 4.95 19.30
CA ILE B 94 -3.46 4.33 20.37
C ILE B 94 -4.94 4.24 19.98
N ASP B 95 -5.49 5.31 19.41
CA ASP B 95 -6.88 5.32 18.94
C ASP B 95 -7.16 4.17 17.98
N ILE B 96 -6.26 3.98 17.02
CA ILE B 96 -6.37 2.90 16.03
C ILE B 96 -6.36 1.50 16.68
N LEU B 97 -5.56 1.34 17.73
CA LEU B 97 -5.36 0.04 18.37
C LEU B 97 -6.27 -0.26 19.57
N ARG B 98 -7.10 0.71 19.96
CA ARG B 98 -8.02 0.52 21.10
C ARG B 98 -8.99 -0.66 20.96
N PRO B 99 -9.66 -0.81 19.79
CA PRO B 99 -10.44 -2.04 19.58
C PRO B 99 -9.66 -3.34 19.80
N LEU B 100 -8.43 -3.41 19.29
CA LEU B 100 -7.60 -4.62 19.44
C LEU B 100 -7.25 -4.89 20.91
N ALA B 101 -6.90 -3.83 21.64
CA ALA B 101 -6.59 -3.96 23.06
C ALA B 101 -7.81 -4.42 23.85
N ASN B 102 -8.96 -3.79 23.57
CA ASN B 102 -10.23 -4.17 24.19
C ASN B 102 -10.54 -5.66 24.00
N MET B 103 -10.31 -6.16 22.79
CA MET B 103 -10.58 -7.56 22.44
C MET B 103 -9.68 -8.58 23.15
N SER B 104 -8.56 -8.10 23.71
CA SER B 104 -7.63 -8.95 24.46
C SER B 104 -7.61 -8.62 25.95
N CYS B 105 -8.56 -7.79 26.39
CA CYS B 105 -8.66 -7.31 27.78
C CYS B 105 -7.40 -6.58 28.26
N VAL B 106 -6.79 -5.84 27.34
CA VAL B 106 -5.60 -5.04 27.63
C VAL B 106 -6.05 -3.61 27.94
N ASP B 107 -5.70 -3.11 29.12
CA ASP B 107 -5.94 -1.70 29.41
C ASP B 107 -4.73 -0.87 29.02
N ILE B 108 -4.99 0.31 28.48
CA ILE B 108 -3.94 1.19 27.96
C ILE B 108 -3.75 2.35 28.92
N GLN B 109 -2.53 2.46 29.45
CA GLN B 109 -2.15 3.57 30.31
C GLN B 109 -1.11 4.41 29.58
N ALA B 110 -1.47 5.66 29.30
CA ALA B 110 -0.59 6.55 28.56
C ALA B 110 -0.27 7.80 29.36
N THR B 111 1.02 8.09 29.49
CA THR B 111 1.49 9.30 30.15
C THR B 111 2.35 10.03 29.12
N LEU B 112 1.78 11.05 28.51
CA LEU B 112 2.38 11.67 27.34
C LEU B 112 2.67 13.16 27.53
N ALA B 113 3.68 13.64 26.79
CA ALA B 113 4.04 15.04 26.78
C ALA B 113 4.33 15.48 25.34
N PRO B 114 3.93 16.71 24.97
CA PRO B 114 4.06 17.18 23.60
C PRO B 114 5.48 17.57 23.17
N PHE B 115 6.42 16.65 23.33
CA PHE B 115 7.78 16.83 22.83
C PHE B 115 7.84 16.64 21.32
N SER B 116 8.83 17.29 20.69
CA SER B 116 8.91 17.34 19.24
C SER B 116 10.11 16.59 18.66
N VAL B 117 9.88 15.86 17.57
CA VAL B 117 10.95 15.20 16.80
C VAL B 117 10.84 15.50 15.31
N ILE B 118 11.95 15.33 14.59
CA ILE B 118 11.95 15.51 13.13
C ILE B 118 11.82 14.15 12.45
N GLY B 119 10.84 14.04 11.56
CA GLY B 119 10.64 12.80 10.82
C GLY B 119 9.51 12.91 9.81
N GLU B 120 9.24 11.79 9.15
CA GLU B 120 8.15 11.68 8.21
C GLU B 120 6.95 11.02 8.90
N ARG B 121 5.86 11.77 8.96
CA ARG B 121 4.68 11.45 9.77
C ARG B 121 4.14 10.02 9.61
N GLU B 122 3.88 9.62 8.37
CA GLU B 122 3.29 8.30 8.08
C GLU B 122 4.20 7.17 8.58
N LYS B 123 5.49 7.29 8.28
CA LYS B 123 6.49 6.30 8.69
C LYS B 123 6.65 6.22 10.20
N PHE B 124 6.64 7.39 10.86
CA PHE B 124 6.75 7.43 12.31
C PHE B 124 5.54 6.76 12.97
N ARG B 125 4.35 7.08 12.47
CA ARG B 125 3.12 6.41 12.91
C ARG B 125 3.18 4.90 12.69
N GLN B 126 3.67 4.47 11.53
CA GLN B 126 3.79 3.05 11.18
C GLN B 126 4.70 2.33 12.17
N CYS B 127 5.80 2.98 12.51
CA CYS B 127 6.77 2.49 13.47
C CYS B 127 6.14 2.27 14.84
N LEU B 128 5.45 3.30 15.35
CA LEU B 128 4.75 3.22 16.65
C LEU B 128 3.67 2.13 16.68
N LEU B 129 2.91 2.01 15.59
CA LEU B 129 1.85 1.01 15.51
C LEU B 129 2.41 -0.42 15.57
N ASN B 130 3.48 -0.68 14.82
CA ASN B 130 4.09 -2.01 14.83
C ASN B 130 4.55 -2.46 16.22
N VAL B 131 5.16 -1.53 16.97
CA VAL B 131 5.60 -1.80 18.34
C VAL B 131 4.41 -2.01 19.30
N MET B 132 3.42 -1.13 19.24
CA MET B 132 2.26 -1.24 20.12
C MET B 132 1.38 -2.45 19.81
N LYS B 133 1.25 -2.77 18.52
CA LYS B 133 0.47 -3.95 18.10
C LYS B 133 1.13 -5.22 18.65
N ASN B 134 2.47 -5.29 18.55
CA ASN B 134 3.22 -6.42 19.15
C ASN B 134 3.01 -6.53 20.65
N ALA B 135 3.00 -5.38 21.33
CA ALA B 135 2.78 -5.34 22.78
C ALA B 135 1.42 -5.94 23.15
N ILE B 136 0.37 -5.54 22.43
CA ILE B 136 -0.98 -6.07 22.64
C ILE B 136 -1.04 -7.57 22.33
N GLU B 137 -0.36 -7.98 21.26
CA GLU B 137 -0.33 -9.37 20.84
C GLU B 137 0.43 -10.29 21.82
N ALA B 138 1.32 -9.69 22.61
CA ALA B 138 2.04 -10.42 23.66
C ALA B 138 1.15 -10.65 24.90
N MET B 139 -0.01 -10.01 24.92
CA MET B 139 -0.95 -10.10 26.03
C MET B 139 -2.35 -10.60 25.58
N PRO B 140 -2.43 -11.86 25.11
CA PRO B 140 -3.69 -12.37 24.54
C PRO B 140 -4.84 -12.51 25.54
N ASN B 141 -4.52 -12.74 26.81
CA ASN B 141 -5.55 -12.84 27.84
C ASN B 141 -5.36 -11.82 28.96
N GLY B 142 -5.15 -10.57 28.57
CA GLY B 142 -5.16 -9.46 29.53
C GLY B 142 -3.78 -8.98 29.91
N GLY B 143 -3.74 -7.76 30.42
CA GLY B 143 -2.51 -7.12 30.83
C GLY B 143 -2.59 -5.62 30.68
N THR B 144 -1.45 -4.95 30.86
CA THR B 144 -1.39 -3.51 30.75
C THR B 144 -0.40 -3.08 29.67
N LEU B 145 -0.88 -2.27 28.74
CA LEU B 145 0.00 -1.58 27.80
C LEU B 145 0.31 -0.20 28.39
N GLN B 146 1.58 0.04 28.71
CA GLN B 146 2.02 1.34 29.21
C GLN B 146 2.77 2.09 28.12
N VAL B 147 2.35 3.32 27.85
CA VAL B 147 3.06 4.18 26.89
C VAL B 147 3.50 5.45 27.63
N TYR B 148 4.81 5.67 27.62
CA TYR B 148 5.42 6.74 28.41
C TYR B 148 6.29 7.60 27.51
N VAL B 149 6.12 8.91 27.62
CA VAL B 149 6.95 9.87 26.89
C VAL B 149 7.66 10.80 27.85
N SER B 150 8.96 10.92 27.68
CA SER B 150 9.77 11.82 28.49
C SER B 150 10.98 12.32 27.70
N ILE B 151 11.77 13.16 28.36
CA ILE B 151 13.03 13.61 27.81
C ILE B 151 14.14 12.90 28.59
N ASP B 152 15.12 12.38 27.87
CA ASP B 152 16.31 11.78 28.49
C ASP B 152 17.58 12.23 27.80
N ASN B 153 18.33 13.11 28.49
CA ASN B 153 19.64 13.60 28.05
C ASN B 153 19.65 14.08 26.59
N GLY B 154 18.77 15.05 26.30
CA GLY B 154 18.70 15.67 24.97
C GLY B 154 17.95 14.86 23.93
N ARG B 155 17.40 13.71 24.35
CA ARG B 155 16.67 12.82 23.46
C ARG B 155 15.24 12.66 23.95
N VAL B 156 14.31 12.55 23.00
CA VAL B 156 12.94 12.19 23.33
C VAL B 156 12.93 10.68 23.58
N LEU B 157 12.34 10.26 24.70
CA LEU B 157 12.18 8.84 25.00
C LEU B 157 10.72 8.42 24.84
N ILE B 158 10.49 7.44 23.97
CA ILE B 158 9.18 6.83 23.81
C ILE B 158 9.27 5.41 24.34
N ARG B 159 8.60 5.15 25.46
CA ARG B 159 8.67 3.84 26.10
C ARG B 159 7.35 3.10 25.98
N ILE B 160 7.41 1.89 25.43
CA ILE B 160 6.24 1.05 25.22
C ILE B 160 6.43 -0.27 25.98
N ALA B 161 5.68 -0.43 27.05
CA ALA B 161 5.82 -1.56 27.96
C ALA B 161 4.56 -2.41 28.00
N ASP B 162 4.76 -3.73 28.04
CA ASP B 162 3.67 -4.68 28.19
C ASP B 162 3.96 -5.66 29.33
N THR B 163 2.92 -6.34 29.81
CA THR B 163 3.06 -7.33 30.89
C THR B 163 2.88 -8.74 30.32
N GLY B 164 3.27 -8.91 29.06
CA GLY B 164 2.97 -10.14 28.30
C GLY B 164 3.96 -11.28 28.41
N VAL B 165 4.00 -12.09 27.36
CA VAL B 165 4.74 -13.36 27.35
C VAL B 165 6.27 -13.21 27.39
N GLY B 166 6.78 -12.05 26.98
CA GLY B 166 8.23 -11.81 26.97
C GLY B 166 8.94 -12.65 25.92
N MET B 167 10.27 -12.62 25.97
CA MET B 167 11.12 -13.32 25.01
C MET B 167 12.30 -13.95 25.72
N THR B 168 12.76 -15.09 25.20
CA THR B 168 14.03 -15.67 25.60
C THR B 168 15.17 -14.87 24.96
N LYS B 169 16.39 -15.17 25.40
CA LYS B 169 17.61 -14.63 24.79
C LYS B 169 17.60 -14.84 23.26
N GLU B 170 17.27 -16.06 22.83
CA GLU B 170 17.34 -16.44 21.42
C GLU B 170 16.31 -15.73 20.57
N GLN B 171 15.12 -15.53 21.12
CA GLN B 171 14.05 -14.83 20.40
C GLN B 171 14.33 -13.33 20.28
N LEU B 172 14.82 -12.71 21.36
CA LEU B 172 15.16 -11.28 21.34
C LEU B 172 16.30 -10.99 20.35
N GLU B 173 17.28 -11.88 20.29
CA GLU B 173 18.36 -11.82 19.29
C GLU B 173 17.84 -11.83 17.84
N ARG B 174 16.77 -12.58 17.61
CA ARG B 174 16.21 -12.76 16.27
C ARG B 174 15.11 -11.75 15.91
N LEU B 175 14.60 -11.02 16.91
CA LEU B 175 13.56 -10.01 16.67
C LEU B 175 14.03 -9.06 15.56
N GLY B 176 13.20 -8.88 14.54
CA GLY B 176 13.54 -8.00 13.41
C GLY B 176 14.16 -8.71 12.21
N GLU B 177 14.62 -9.95 12.42
CA GLU B 177 15.00 -10.82 11.32
C GLU B 177 13.77 -11.02 10.43
N PRO B 178 13.92 -10.74 9.12
CA PRO B 178 12.77 -10.88 8.21
C PRO B 178 12.17 -12.29 8.26
N TYR B 179 10.85 -12.34 8.43
CA TYR B 179 10.08 -13.58 8.47
C TYR B 179 10.17 -14.40 9.77
N PHE B 180 10.95 -13.91 10.74
CA PHE B 180 10.98 -14.58 12.04
C PHE B 180 9.78 -14.17 12.88
N THR B 181 8.96 -15.16 13.25
CA THR B 181 7.75 -14.93 14.03
C THR B 181 7.43 -16.13 14.94
N THR B 182 6.95 -15.83 16.14
CA THR B 182 6.43 -16.86 17.04
C THR B 182 4.91 -16.99 16.92
N LYS B 183 4.32 -16.31 15.92
CA LYS B 183 2.86 -16.21 15.83
C LYS B 183 2.25 -17.14 14.78
N GLY B 184 3.06 -18.09 14.30
CA GLY B 184 2.60 -19.10 13.34
C GLY B 184 1.99 -18.53 12.09
N VAL B 185 0.84 -19.07 11.71
CA VAL B 185 0.11 -18.71 10.48
C VAL B 185 -0.32 -17.24 10.35
N LYS B 186 -0.56 -16.57 11.47
CA LYS B 186 -0.94 -15.17 11.46
C LYS B 186 0.26 -14.21 11.53
N GLY B 187 1.45 -14.75 11.83
CA GLY B 187 2.67 -13.93 11.96
C GLY B 187 3.27 -13.56 10.61
N THR B 188 3.94 -12.41 10.56
CA THR B 188 4.67 -12.03 9.36
C THR B 188 6.16 -12.01 9.61
N GLY B 189 6.55 -11.53 10.80
CA GLY B 189 7.96 -11.34 11.12
C GLY B 189 8.57 -10.20 10.31
N LEU B 190 7.73 -9.22 9.97
CA LEU B 190 8.16 -8.09 9.14
C LEU B 190 7.91 -6.74 9.83
N GLY B 191 7.19 -6.76 10.94
CA GLY B 191 6.85 -5.54 11.68
C GLY B 191 8.04 -4.81 12.27
N MET B 192 8.87 -5.53 13.01
CA MET B 192 10.02 -4.92 13.68
C MET B 192 11.14 -4.57 12.71
N MET B 193 11.28 -5.35 11.64
CA MET B 193 12.24 -5.04 10.59
C MET B 193 12.05 -3.59 10.14
N VAL B 194 10.78 -3.25 9.91
CA VAL B 194 10.36 -1.92 9.49
C VAL B 194 10.64 -0.85 10.57
N VAL B 195 10.36 -1.21 11.83
CA VAL B 195 10.57 -0.31 12.96
C VAL B 195 12.04 0.16 13.07
N TYR B 196 12.95 -0.81 13.00
CA TYR B 196 14.38 -0.52 13.05
C TYR B 196 14.88 0.37 11.93
N ARG B 197 14.41 0.09 10.71
CA ARG B 197 14.82 0.87 9.54
C ARG B 197 14.27 2.29 9.58
N ILE B 198 13.05 2.45 10.07
CA ILE B 198 12.47 3.79 10.23
C ILE B 198 13.18 4.58 11.34
N ILE B 199 13.35 3.99 12.51
CA ILE B 199 14.04 4.66 13.62
C ILE B 199 15.48 5.06 13.24
N GLU B 200 16.16 4.16 12.55
CA GLU B 200 17.50 4.43 11.99
C GLU B 200 17.51 5.66 11.08
N SER B 201 16.52 5.75 10.19
CA SER B 201 16.42 6.86 9.25
C SER B 201 16.14 8.18 9.96
N MET B 202 15.57 8.08 11.16
CA MET B 202 15.29 9.24 12.00
C MET B 202 16.43 9.57 12.97
N ASN B 203 17.57 8.92 12.76
CA ASN B 203 18.76 9.07 13.60
C ASN B 203 18.47 8.74 15.07
N GLY B 204 17.66 7.71 15.28
CA GLY B 204 17.30 7.27 16.62
C GLY B 204 17.92 5.93 16.94
N THR B 205 17.66 5.45 18.15
CA THR B 205 18.12 4.13 18.57
C THR B 205 17.01 3.43 19.35
N ILE B 206 17.18 2.13 19.56
CA ILE B 206 16.19 1.32 20.25
C ILE B 206 16.87 0.45 21.29
N ARG B 207 16.30 0.40 22.50
CA ARG B 207 16.73 -0.54 23.52
C ARG B 207 15.52 -1.36 23.95
N ILE B 208 15.71 -2.67 24.04
CA ILE B 208 14.63 -3.56 24.45
C ILE B 208 15.04 -4.36 25.68
N GLU B 209 14.17 -4.37 26.69
CA GLU B 209 14.32 -5.26 27.84
C GLU B 209 13.14 -6.23 27.81
N SER B 210 13.40 -7.51 28.05
CA SER B 210 12.33 -8.52 28.01
C SER B 210 12.61 -9.65 28.99
N GLU B 211 11.54 -10.19 29.57
CA GLU B 211 11.67 -11.34 30.46
C GLU B 211 10.47 -12.26 30.29
N ILE B 212 10.75 -13.52 29.99
CA ILE B 212 9.73 -14.56 29.83
C ILE B 212 8.68 -14.51 30.96
N HIS B 213 7.41 -14.50 30.57
CA HIS B 213 6.25 -14.49 31.48
C HIS B 213 6.02 -13.19 32.25
N LYS B 214 6.91 -12.21 32.07
CA LYS B 214 6.79 -10.95 32.80
C LYS B 214 6.47 -9.79 31.85
N GLY B 215 7.11 -9.77 30.69
CA GLY B 215 6.79 -8.78 29.68
C GLY B 215 7.99 -8.19 28.96
N THR B 216 7.74 -7.11 28.24
CA THR B 216 8.73 -6.49 27.37
C THR B 216 8.61 -4.98 27.46
N THR B 217 9.75 -4.31 27.47
CA THR B 217 9.78 -2.85 27.39
C THR B 217 10.66 -2.41 26.21
N VAL B 218 10.03 -1.73 25.25
CA VAL B 218 10.74 -1.19 24.10
C VAL B 218 10.96 0.30 24.33
N SER B 219 12.21 0.72 24.28
CA SER B 219 12.59 2.12 24.45
C SER B 219 13.14 2.69 23.15
N ILE B 220 12.43 3.68 22.60
CA ILE B 220 12.87 4.38 21.41
C ILE B 220 13.41 5.75 21.80
N TYR B 221 14.63 6.05 21.37
CA TYR B 221 15.27 7.34 21.61
C TYR B 221 15.42 8.09 20.31
N LEU B 222 15.01 9.36 20.30
CA LEU B 222 15.08 10.18 19.11
C LEU B 222 15.65 11.56 19.44
N PRO B 223 16.34 12.19 18.46
CA PRO B 223 16.85 13.54 18.72
C PRO B 223 15.70 14.51 18.99
N LEU B 224 15.83 15.29 20.06
CA LEU B 224 14.84 16.31 20.41
C LEU B 224 14.88 17.45 19.40
N ALA B 225 13.74 17.75 18.79
CA ALA B 225 13.60 18.91 17.93
C ALA B 225 13.27 20.14 18.77
N SER B 226 13.91 21.25 18.45
CA SER B 226 13.69 22.52 19.14
C SER B 226 12.86 23.47 18.30
N MET C 1 -20.01 -3.57 -7.09
CA MET C 1 -21.33 -4.24 -6.93
C MET C 1 -22.47 -3.51 -7.65
N LYS C 2 -22.10 -2.64 -8.58
CA LYS C 2 -23.05 -1.81 -9.33
C LYS C 2 -23.97 -2.62 -10.25
N HIS C 3 -23.52 -3.83 -10.61
CA HIS C 3 -24.27 -4.66 -11.55
C HIS C 3 -25.21 -5.67 -10.88
N LEU C 4 -25.10 -5.80 -9.55
CA LEU C 4 -26.05 -6.62 -8.79
C LEU C 4 -27.45 -6.02 -8.92
N SER C 5 -28.44 -6.89 -9.10
CA SER C 5 -29.84 -6.45 -9.11
C SER C 5 -30.18 -5.90 -7.73
N ASP C 6 -31.20 -5.05 -7.66
CA ASP C 6 -31.72 -4.55 -6.39
C ASP C 6 -32.04 -5.74 -5.48
N GLU C 7 -32.66 -6.75 -6.07
CA GLU C 7 -33.07 -7.97 -5.39
C GLU C 7 -31.88 -8.71 -4.76
N LEU C 8 -30.84 -8.94 -5.55
CA LEU C 8 -29.66 -9.66 -5.05
C LEU C 8 -28.86 -8.82 -4.05
N LEU C 9 -28.83 -7.50 -4.27
CA LEU C 9 -28.14 -6.59 -3.35
C LEU C 9 -28.73 -6.64 -1.93
N ILE C 10 -30.06 -6.56 -1.83
CA ILE C 10 -30.76 -6.62 -0.55
C ILE C 10 -30.61 -8.01 0.08
N GLU C 11 -30.73 -9.04 -0.74
CA GLU C 11 -30.53 -10.42 -0.33
C GLU C 11 -29.14 -10.63 0.27
N SER C 12 -28.13 -10.04 -0.38
CA SER C 12 -26.73 -10.11 0.07
C SER C 12 -26.55 -9.42 1.41
N TYR C 13 -27.22 -8.27 1.56
CA TYR C 13 -27.19 -7.48 2.80
C TYR C 13 -27.64 -8.28 4.03
N PHE C 14 -28.80 -8.91 3.92
CA PHE C 14 -29.33 -9.68 5.05
C PHE C 14 -28.51 -10.95 5.31
N LYS C 15 -28.00 -11.56 4.24
CA LYS C 15 -27.14 -12.73 4.37
C LYS C 15 -25.80 -12.37 5.02
N ALA C 16 -25.26 -11.18 4.71
CA ALA C 16 -24.04 -10.67 5.36
C ALA C 16 -24.21 -10.44 6.87
N LYS C 17 -25.36 -9.91 7.26
CA LYS C 17 -25.67 -9.70 8.68
C LYS C 17 -25.80 -11.02 9.46
N GLU C 18 -26.45 -12.01 8.85
CA GLU C 18 -26.62 -13.34 9.47
C GLU C 18 -25.27 -14.03 9.75
N LEU C 19 -24.34 -13.91 8.81
CA LEU C 19 -22.99 -14.47 8.95
C LEU C 19 -22.04 -13.60 9.79
N ASN C 20 -22.53 -12.43 10.23
CA ASN C 20 -21.68 -11.45 10.91
C ASN C 20 -20.43 -11.12 10.11
N LEU C 21 -20.63 -10.82 8.82
CA LEU C 21 -19.50 -10.38 7.99
C LEU C 21 -18.98 -9.03 8.50
N SER C 22 -17.85 -8.60 7.96
CA SER C 22 -17.18 -7.40 8.40
C SER C 22 -18.14 -6.20 8.42
N PRO C 23 -18.12 -5.41 9.51
CA PRO C 23 -18.90 -4.16 9.54
C PRO C 23 -18.55 -3.26 8.36
N GLU C 24 -17.31 -3.33 7.88
CA GLU C 24 -16.88 -2.54 6.72
C GLU C 24 -17.53 -3.04 5.43
N PHE C 25 -17.71 -4.35 5.31
CA PHE C 25 -18.42 -4.92 4.17
C PHE C 25 -19.93 -4.61 4.20
N ILE C 26 -20.52 -4.72 5.39
CA ILE C 26 -21.93 -4.37 5.57
C ILE C 26 -22.18 -2.88 5.25
N GLU C 27 -21.25 -2.01 5.67
CA GLU C 27 -21.33 -0.59 5.34
C GLU C 27 -21.25 -0.31 3.83
N LEU C 28 -20.39 -1.05 3.12
CA LEU C 28 -20.29 -0.94 1.66
C LEU C 28 -21.63 -1.27 0.98
N ILE C 29 -22.27 -2.34 1.45
CA ILE C 29 -23.60 -2.71 0.93
C ILE C 29 -24.62 -1.63 1.24
N GLU C 30 -24.65 -1.17 2.49
CA GLU C 30 -25.56 -0.10 2.92
C GLU C 30 -25.42 1.18 2.10
N LYS C 31 -24.17 1.55 1.82
CA LYS C 31 -23.88 2.72 0.99
C LYS C 31 -24.39 2.56 -0.44
N GLU C 32 -24.28 1.34 -0.97
CA GLU C 32 -24.80 1.04 -2.31
C GLU C 32 -26.33 1.10 -2.32
N ILE C 33 -26.93 0.60 -1.24
CA ILE C 33 -28.38 0.65 -1.03
C ILE C 33 -28.86 2.10 -0.95
N GLN C 34 -28.11 2.92 -0.22
CA GLN C 34 -28.40 4.35 -0.07
C GLN C 34 -28.26 5.09 -1.39
N ARG C 35 -27.23 4.73 -2.17
CA ARG C 35 -26.99 5.32 -3.49
C ARG C 35 -28.15 5.06 -4.44
N ARG C 36 -28.72 3.86 -4.35
CA ARG C 36 -29.86 3.46 -5.18
C ARG C 36 -31.20 3.94 -4.61
N SER C 37 -31.14 4.71 -3.52
CA SER C 37 -32.33 5.25 -2.83
C SER C 37 -33.28 4.13 -2.35
N LEU C 38 -32.71 3.06 -1.80
CA LEU C 38 -33.47 1.88 -1.39
C LEU C 38 -33.38 1.55 0.10
N THR C 39 -32.99 2.54 0.93
CA THR C 39 -32.79 2.33 2.37
C THR C 39 -34.08 1.91 3.09
N HIS C 40 -35.22 2.25 2.50
CA HIS C 40 -36.54 1.86 3.02
C HIS C 40 -36.77 0.34 3.00
N LYS C 41 -35.91 -0.39 2.30
CA LYS C 41 -35.96 -1.86 2.28
C LYS C 41 -35.19 -2.46 3.45
N ILE C 42 -34.25 -1.70 3.99
CA ILE C 42 -33.45 -2.11 5.16
C ILE C 42 -34.24 -1.97 6.47
#